data_1QPI
#
_entry.id   1QPI
#
_cell.length_a   38.040
_cell.length_b   193.200
_cell.length_c   91.750
_cell.angle_alpha   90.00
_cell.angle_beta   90.00
_cell.angle_gamma   90.00
#
_symmetry.space_group_name_H-M   'C 2 2 21'
#
loop_
_entity.id
_entity.type
_entity.pdbx_description
1 polymer "DNA (5'-D(*CP*CP*TP*AP*TP*CP*AP*AP*TP*GP*AP*TP*AP*GP*A)-3')"
2 polymer "DNA (5'-D(*TP*CP*TP*AP*TP*CP*AP*TP*TP*GP*AP*TP*AP*GP*G)-3')"
3 polymer 'PROTEIN (TETRACYCLINE REPRESSOR)'
4 non-polymer IMIDAZOLE
5 water water
#
loop_
_entity_poly.entity_id
_entity_poly.type
_entity_poly.pdbx_seq_one_letter_code
_entity_poly.pdbx_strand_id
1 'polydeoxyribonucleotide' (DC)(DC)(DT)(DA)(DT)(DC)(DA)(DA)(DT)(DG)(DA)(DT)(DA)(DG)(DA) M
2 'polydeoxyribonucleotide' (DT)(DC)(DT)(DA)(DT)(DC)(DA)(DT)(DT)(DG)(DA)(DT)(DA)(DG)(DG) N
3 'polypeptide(L)'
;LNRESVIDAALELLNETGIDGLTTRKLAQKLGIEQPTLYWHVKNKRALLDALAVEILARHHDYSLPAAGESWQSFLRNNA
MSFRRALLRYRDGAKVHLGTRPDEKQYDTVETQLRFMTENGFSLRDGLYAISAVSHFTLGAVLEQQEHTAALTDRPAAPD
ENLPPLLREALQIMDSDDGEQAFLHGLESLIRGFEVQLTALLQ
;
A
#
loop_
_chem_comp.id
_chem_comp.type
_chem_comp.name
_chem_comp.formula
DA DNA linking 2'-DEOXYADENOSINE-5'-MONOPHOSPHATE 'C10 H14 N5 O6 P'
DC DNA linking 2'-DEOXYCYTIDINE-5'-MONOPHOSPHATE 'C9 H14 N3 O7 P'
DG DNA linking 2'-DEOXYGUANOSINE-5'-MONOPHOSPHATE 'C10 H14 N5 O7 P'
DT DNA linking THYMIDINE-5'-MONOPHOSPHATE 'C10 H15 N2 O8 P'
IMD non-polymer IMIDAZOLE 'C3 H5 N2 1'
#
# COMPACT_ATOMS: atom_id res chain seq x y z
N LEU C 1 -18.59 22.20 -7.83
CA LEU C 1 -17.47 21.30 -8.20
C LEU C 1 -16.33 21.37 -7.17
N ASN C 2 -16.57 20.75 -6.02
CA ASN C 2 -15.69 20.65 -4.84
C ASN C 2 -14.22 20.34 -5.04
N ARG C 3 -13.59 20.05 -3.91
CA ARG C 3 -12.19 19.59 -3.87
C ARG C 3 -12.36 18.07 -3.86
N GLU C 4 -13.57 17.64 -3.49
CA GLU C 4 -13.90 16.23 -3.45
C GLU C 4 -13.97 15.73 -4.89
N SER C 5 -14.57 16.52 -5.77
CA SER C 5 -14.67 16.12 -7.16
C SER C 5 -13.33 16.25 -7.91
N VAL C 6 -12.44 17.06 -7.38
CA VAL C 6 -11.11 17.25 -7.95
C VAL C 6 -10.28 16.00 -7.66
N ILE C 7 -10.26 15.59 -6.40
CA ILE C 7 -9.53 14.40 -6.00
C ILE C 7 -10.06 13.15 -6.71
N ASP C 8 -11.25 13.24 -7.28
CA ASP C 8 -11.87 12.13 -8.00
C ASP C 8 -11.35 12.03 -9.42
N ALA C 9 -11.47 13.12 -10.19
CA ALA C 9 -10.98 13.13 -11.56
C ALA C 9 -9.49 12.84 -11.52
N ALA C 10 -8.83 13.17 -10.41
CA ALA C 10 -7.41 12.93 -10.25
C ALA C 10 -7.11 11.42 -10.17
N LEU C 11 -7.95 10.67 -9.47
CA LEU C 11 -7.74 9.22 -9.35
C LEU C 11 -8.00 8.53 -10.69
N GLU C 12 -8.88 9.13 -11.49
CA GLU C 12 -9.20 8.61 -12.81
C GLU C 12 -8.02 8.92 -13.71
N LEU C 13 -7.42 10.09 -13.53
CA LEU C 13 -6.28 10.48 -14.34
C LEU C 13 -5.05 9.66 -13.95
N LEU C 14 -4.99 9.15 -12.71
CA LEU C 14 -3.84 8.34 -12.27
C LEU C 14 -3.90 7.00 -12.99
N ASN C 15 -5.11 6.43 -13.05
CA ASN C 15 -5.32 5.14 -13.69
C ASN C 15 -5.18 5.21 -15.19
N GLU C 16 -5.19 6.42 -15.73
CA GLU C 16 -5.06 6.61 -17.16
C GLU C 16 -3.61 6.79 -17.60
N THR C 17 -3.00 7.91 -17.16
CA THR C 17 -1.64 8.27 -17.53
C THR C 17 -0.51 7.95 -16.53
N GLY C 18 -0.82 7.30 -15.41
CA GLY C 18 0.21 6.99 -14.44
C GLY C 18 0.68 8.21 -13.65
N ILE C 19 1.47 7.99 -12.61
CA ILE C 19 1.95 9.07 -11.77
C ILE C 19 2.70 10.22 -12.45
N ASP C 20 3.18 10.01 -13.68
CA ASP C 20 3.91 11.06 -14.40
C ASP C 20 3.09 11.84 -15.44
N GLY C 21 2.06 11.21 -15.98
CA GLY C 21 1.20 11.89 -16.95
C GLY C 21 0.12 12.64 -16.19
N LEU C 22 0.15 12.50 -14.87
CA LEU C 22 -0.79 13.16 -14.00
C LEU C 22 -0.27 14.59 -13.87
N THR C 23 -0.62 15.42 -14.85
CA THR C 23 -0.18 16.79 -14.81
C THR C 23 -1.35 17.72 -14.57
N THR C 24 -1.09 18.80 -13.83
CA THR C 24 -2.11 19.79 -13.49
C THR C 24 -3.02 20.10 -14.68
N ARG C 25 -2.41 20.52 -15.78
CA ARG C 25 -3.15 20.85 -16.99
C ARG C 25 -4.08 19.73 -17.51
N LYS C 26 -3.65 18.48 -17.43
CA LYS C 26 -4.52 17.38 -17.89
C LYS C 26 -5.71 17.21 -16.95
N LEU C 27 -5.47 17.46 -15.66
CA LEU C 27 -6.51 17.34 -14.65
C LEU C 27 -7.60 18.38 -14.87
N ALA C 28 -7.19 19.64 -15.07
CA ALA C 28 -8.11 20.75 -15.30
C ALA C 28 -9.06 20.42 -16.45
N GLN C 29 -8.48 20.04 -17.59
CA GLN C 29 -9.23 19.67 -18.78
C GLN C 29 -10.23 18.55 -18.51
N LYS C 30 -9.91 17.71 -17.54
CA LYS C 30 -10.79 16.61 -17.20
C LYS C 30 -11.98 17.21 -16.48
N LEU C 31 -11.68 18.15 -15.59
CA LEU C 31 -12.67 18.86 -14.79
C LEU C 31 -13.33 19.98 -15.60
N GLY C 32 -13.08 20.00 -16.90
CA GLY C 32 -13.64 21.03 -17.77
C GLY C 32 -13.25 22.45 -17.41
N ILE C 33 -12.38 22.62 -16.40
CA ILE C 33 -11.94 23.94 -15.95
C ILE C 33 -10.58 24.36 -16.52
N GLU C 34 -10.08 25.52 -16.06
CA GLU C 34 -8.79 26.06 -16.48
C GLU C 34 -7.77 25.81 -15.36
N GLN C 35 -6.54 25.54 -15.76
CA GLN C 35 -5.42 25.20 -14.86
C GLN C 35 -5.22 25.89 -13.50
N PRO C 36 -4.86 27.19 -13.45
CA PRO C 36 -4.66 27.78 -12.11
C PRO C 36 -5.85 27.79 -11.12
N THR C 37 -7.00 27.30 -11.57
CA THR C 37 -8.21 27.20 -10.76
C THR C 37 -8.04 26.05 -9.79
N LEU C 38 -7.32 25.02 -10.21
CA LEU C 38 -7.06 23.86 -9.37
C LEU C 38 -6.36 24.34 -8.12
N TYR C 39 -5.63 25.44 -8.24
CA TYR C 39 -4.92 25.99 -7.11
C TYR C 39 -5.85 26.59 -6.07
N TRP C 40 -7.14 26.66 -6.41
CA TRP C 40 -8.15 27.15 -5.51
C TRP C 40 -8.46 25.91 -4.65
N HIS C 41 -8.66 24.77 -5.31
CA HIS C 41 -9.00 23.53 -4.64
C HIS C 41 -7.90 22.80 -3.91
N VAL C 42 -6.67 22.90 -4.39
CA VAL C 42 -5.55 22.21 -3.78
C VAL C 42 -4.40 23.14 -3.53
N LYS C 43 -3.70 22.98 -2.41
CA LYS C 43 -2.57 23.85 -2.11
C LYS C 43 -1.54 23.77 -3.22
N ASN C 44 -1.12 22.54 -3.53
CA ASN C 44 -0.14 22.27 -4.58
C ASN C 44 -0.17 20.79 -4.92
N LYS C 45 0.57 20.40 -5.94
CA LYS C 45 0.62 19.01 -6.39
C LYS C 45 0.92 18.01 -5.26
N ARG C 46 1.92 18.29 -4.43
CA ARG C 46 2.26 17.40 -3.33
C ARG C 46 1.03 17.18 -2.47
N ALA C 47 0.34 18.27 -2.13
CA ALA C 47 -0.87 18.21 -1.33
C ALA C 47 -1.90 17.31 -2.00
N LEU C 48 -1.97 17.42 -3.33
CA LEU C 48 -2.88 16.63 -4.14
C LEU C 48 -2.53 15.14 -4.12
N LEU C 49 -1.24 14.84 -4.15
CA LEU C 49 -0.79 13.45 -4.14
C LEU C 49 -1.04 12.78 -2.79
N ASP C 50 -0.84 13.53 -1.71
CA ASP C 50 -1.10 13.01 -0.39
C ASP C 50 -2.59 12.74 -0.31
N ALA C 51 -3.35 13.63 -0.95
CA ALA C 51 -4.80 13.50 -0.98
C ALA C 51 -5.18 12.17 -1.60
N LEU C 52 -4.60 11.87 -2.76
CA LEU C 52 -4.89 10.62 -3.46
C LEU C 52 -4.49 9.39 -2.65
N ALA C 53 -3.35 9.46 -1.97
CA ALA C 53 -2.90 8.35 -1.16
C ALA C 53 -3.94 8.03 -0.10
N VAL C 54 -4.28 9.03 0.70
CA VAL C 54 -5.26 8.87 1.76
C VAL C 54 -6.56 8.38 1.15
N GLU C 55 -6.95 8.99 0.04
CA GLU C 55 -8.17 8.60 -0.62
C GLU C 55 -8.19 7.13 -1.02
N ILE C 56 -7.10 6.63 -1.58
CA ILE C 56 -7.04 5.24 -2.00
C ILE C 56 -7.26 4.31 -0.81
N LEU C 57 -6.51 4.53 0.26
CA LEU C 57 -6.60 3.69 1.44
C LEU C 57 -7.98 3.74 2.05
N ALA C 58 -8.48 4.95 2.28
CA ALA C 58 -9.81 5.16 2.85
C ALA C 58 -10.87 4.46 2.01
N ARG C 59 -10.65 4.46 0.71
CA ARG C 59 -11.58 3.86 -0.23
C ARG C 59 -11.53 2.33 -0.35
N HIS C 60 -10.35 1.74 -0.15
CA HIS C 60 -10.22 0.29 -0.30
C HIS C 60 -9.65 -0.49 0.86
N HIS C 61 -8.76 0.12 1.61
CA HIS C 61 -8.13 -0.55 2.73
C HIS C 61 -9.02 -0.63 3.97
N ASP C 62 -10.04 -1.45 3.90
CA ASP C 62 -10.99 -1.60 4.99
C ASP C 62 -10.43 -2.28 6.24
N TYR C 63 -9.66 -3.34 6.02
CA TYR C 63 -9.06 -4.11 7.12
C TYR C 63 -7.88 -3.46 7.82
N SER C 64 -8.09 -2.29 8.41
CA SER C 64 -7.02 -1.61 9.15
C SER C 64 -7.01 -2.04 10.61
N LEU C 65 -8.12 -2.59 11.07
CA LEU C 65 -8.22 -3.00 12.46
C LEU C 65 -8.57 -4.46 12.68
N PRO C 66 -8.07 -5.05 13.78
CA PRO C 66 -8.33 -6.44 14.12
C PRO C 66 -9.78 -6.65 14.55
N ALA C 67 -10.39 -7.76 14.11
CA ALA C 67 -11.76 -8.06 14.50
C ALA C 67 -11.66 -8.58 15.94
N ALA C 68 -12.79 -8.67 16.64
CA ALA C 68 -12.76 -9.15 18.02
C ALA C 68 -12.40 -10.63 18.09
N GLY C 69 -11.40 -10.94 18.91
CA GLY C 69 -10.97 -12.32 19.09
C GLY C 69 -10.03 -12.89 18.03
N GLU C 70 -9.61 -12.07 17.07
CA GLU C 70 -8.71 -12.52 15.99
C GLU C 70 -7.27 -12.72 16.43
N SER C 71 -6.62 -13.77 15.92
CA SER C 71 -5.22 -14.05 16.27
C SER C 71 -4.34 -13.00 15.57
N TRP C 72 -3.18 -12.69 16.14
CA TRP C 72 -2.29 -11.71 15.52
C TRP C 72 -1.89 -12.20 14.15
N GLN C 73 -1.66 -13.51 14.03
CA GLN C 73 -1.29 -14.05 12.75
C GLN C 73 -2.36 -13.67 11.74
N SER C 74 -3.61 -13.97 12.04
CA SER C 74 -4.70 -13.64 11.12
C SER C 74 -4.86 -12.15 10.87
N PHE C 75 -4.59 -11.33 11.86
CA PHE C 75 -4.73 -9.90 11.64
C PHE C 75 -3.68 -9.45 10.63
N LEU C 76 -2.41 -9.59 11.00
CA LEU C 76 -1.28 -9.21 10.15
C LEU C 76 -1.49 -9.68 8.69
N ARG C 77 -1.89 -10.93 8.53
CA ARG C 77 -2.16 -11.51 7.22
C ARG C 77 -3.24 -10.68 6.51
N ASN C 78 -4.41 -10.60 7.14
CA ASN C 78 -5.57 -9.86 6.62
C ASN C 78 -5.33 -8.38 6.32
N ASN C 79 -4.59 -7.74 7.21
CA ASN C 79 -4.25 -6.33 7.08
C ASN C 79 -3.35 -6.13 5.84
N ALA C 80 -2.26 -6.91 5.76
CA ALA C 80 -1.32 -6.81 4.64
C ALA C 80 -1.97 -7.11 3.30
N MET C 81 -2.87 -8.08 3.26
CA MET C 81 -3.52 -8.41 2.02
C MET C 81 -4.47 -7.30 1.61
N SER C 82 -5.04 -6.61 2.59
CA SER C 82 -5.95 -5.53 2.28
C SER C 82 -5.11 -4.34 1.80
N PHE C 83 -3.99 -4.11 2.47
CA PHE C 83 -3.09 -3.02 2.14
C PHE C 83 -2.64 -3.14 0.68
N ARG C 84 -2.01 -4.26 0.35
CA ARG C 84 -1.52 -4.53 -0.99
C ARG C 84 -2.65 -4.41 -2.01
N ARG C 85 -3.80 -4.98 -1.70
CA ARG C 85 -4.94 -4.92 -2.61
C ARG C 85 -5.41 -3.48 -2.90
N ALA C 86 -5.23 -2.58 -1.93
CA ALA C 86 -5.61 -1.18 -2.12
C ALA C 86 -4.65 -0.52 -3.11
N LEU C 87 -3.35 -0.70 -2.87
CA LEU C 87 -2.28 -0.16 -3.73
C LEU C 87 -2.40 -0.64 -5.18
N LEU C 88 -2.72 -1.92 -5.32
CA LEU C 88 -2.85 -2.53 -6.62
C LEU C 88 -4.03 -2.04 -7.46
N ARG C 89 -5.01 -1.39 -6.85
CA ARG C 89 -6.17 -0.91 -7.59
C ARG C 89 -5.88 0.31 -8.43
N TYR C 90 -4.80 1.02 -8.10
CA TYR C 90 -4.43 2.21 -8.84
C TYR C 90 -3.02 2.11 -9.42
N ARG C 91 -2.89 2.56 -10.66
CA ARG C 91 -1.61 2.56 -11.36
C ARG C 91 -0.66 3.46 -10.57
N ASP C 92 0.49 2.91 -10.22
CA ASP C 92 1.48 3.64 -9.46
C ASP C 92 1.05 3.91 -8.03
N GLY C 93 -0.03 3.23 -7.63
CA GLY C 93 -0.57 3.35 -6.28
C GLY C 93 0.49 3.23 -5.19
N ALA C 94 1.38 2.25 -5.30
CA ALA C 94 2.42 2.09 -4.30
C ALA C 94 3.38 3.29 -4.28
N LYS C 95 3.72 3.83 -5.46
CA LYS C 95 4.63 4.98 -5.57
C LYS C 95 3.98 6.24 -4.98
N VAL C 96 2.72 6.44 -5.34
CA VAL C 96 1.93 7.57 -4.86
C VAL C 96 1.90 7.50 -3.32
N HIS C 97 1.67 6.30 -2.79
CA HIS C 97 1.62 6.08 -1.36
C HIS C 97 2.96 6.39 -0.69
N LEU C 98 4.03 5.87 -1.26
CA LEU C 98 5.37 6.06 -0.72
C LEU C 98 5.75 7.52 -0.49
N GLY C 99 5.26 8.39 -1.36
CA GLY C 99 5.58 9.80 -1.22
C GLY C 99 4.93 10.51 -0.06
N THR C 100 3.78 10.01 0.37
CA THR C 100 3.04 10.66 1.45
C THR C 100 3.57 10.49 2.85
N ARG C 101 3.43 11.53 3.66
CA ARG C 101 3.85 11.45 5.04
C ARG C 101 2.65 10.81 5.72
N PRO C 102 2.89 10.01 6.77
CA PRO C 102 1.79 9.36 7.48
C PRO C 102 0.71 10.33 7.98
N ASP C 103 -0.53 9.91 7.77
CA ASP C 103 -1.75 10.65 8.12
C ASP C 103 -1.98 10.80 9.63
N GLU C 104 -2.21 12.04 10.07
CA GLU C 104 -2.47 12.33 11.48
C GLU C 104 -3.83 11.77 11.96
N LYS C 105 -4.79 11.69 11.04
CA LYS C 105 -6.16 11.21 11.30
C LYS C 105 -6.28 9.68 11.54
N GLN C 106 -5.15 8.98 11.49
CA GLN C 106 -5.13 7.54 11.69
C GLN C 106 -4.28 7.16 12.87
N TYR C 107 -3.97 8.15 13.70
CA TYR C 107 -3.18 7.97 14.93
C TYR C 107 -3.86 6.95 15.83
N ASP C 108 -5.18 7.00 15.86
CA ASP C 108 -5.98 6.10 16.68
C ASP C 108 -5.93 4.66 16.21
N THR C 109 -5.96 4.49 14.88
CA THR C 109 -5.91 3.17 14.24
C THR C 109 -4.55 2.53 14.48
N VAL C 110 -3.50 3.34 14.36
CA VAL C 110 -2.14 2.89 14.56
C VAL C 110 -1.98 2.35 15.98
N GLU C 111 -2.30 3.18 16.95
CA GLU C 111 -2.20 2.83 18.36
C GLU C 111 -3.00 1.60 18.78
N THR C 112 -4.14 1.37 18.13
CA THR C 112 -4.97 0.21 18.42
C THR C 112 -4.22 -1.04 17.92
N GLN C 113 -3.56 -0.92 16.77
CA GLN C 113 -2.79 -2.03 16.23
C GLN C 113 -1.64 -2.36 17.18
N LEU C 114 -0.98 -1.33 17.69
CA LEU C 114 0.12 -1.55 18.62
C LEU C 114 -0.38 -2.26 19.86
N ARG C 115 -1.44 -1.75 20.46
CA ARG C 115 -1.99 -2.36 21.67
C ARG C 115 -2.35 -3.82 21.44
N PHE C 116 -2.98 -4.10 20.31
CA PHE C 116 -3.40 -5.45 19.95
C PHE C 116 -2.23 -6.44 20.05
N MET C 117 -1.02 -6.01 19.64
CA MET C 117 0.15 -6.91 19.70
C MET C 117 0.59 -7.23 21.12
N THR C 118 0.60 -6.23 22.01
CA THR C 118 1.00 -6.39 23.42
C THR C 118 0.08 -7.36 24.14
N GLU C 119 -1.19 -7.34 23.75
CA GLU C 119 -2.18 -8.21 24.33
C GLU C 119 -2.04 -9.63 23.81
N ASN C 120 -1.20 -9.81 22.80
CA ASN C 120 -1.42 -11.30 21.98
C ASN C 120 0.38 -11.74 22.32
N GLY C 121 1.15 -11.26 23.31
CA GLY C 121 2.47 -11.80 23.53
C GLY C 121 3.65 -10.91 23.26
N PHE C 122 3.51 -9.97 22.34
CA PHE C 122 4.62 -9.08 21.99
C PHE C 122 4.88 -7.96 22.96
N SER C 123 6.13 -7.54 23.07
CA SER C 123 6.43 -6.41 23.91
C SER C 123 6.07 -5.30 22.92
N LEU C 124 6.39 -4.05 23.26
CA LEU C 124 6.07 -2.98 22.34
C LEU C 124 6.96 -3.08 21.09
N ARG C 125 8.27 -3.01 21.27
CA ARG C 125 9.17 -3.07 20.12
C ARG C 125 8.93 -4.25 19.19
N ASP C 126 8.70 -5.43 19.74
CA ASP C 126 8.47 -6.60 18.89
C ASP C 126 7.19 -6.50 18.08
N GLY C 127 6.20 -5.82 18.63
CA GLY C 127 4.96 -5.66 17.90
C GLY C 127 5.20 -4.63 16.82
N LEU C 128 5.94 -3.58 17.16
CA LEU C 128 6.27 -2.51 16.25
C LEU C 128 7.01 -3.11 15.07
N TYR C 129 8.10 -3.77 15.40
CA TYR C 129 8.95 -4.41 14.41
C TYR C 129 8.20 -5.42 13.56
N ALA C 130 7.29 -6.16 14.18
CA ALA C 130 6.50 -7.14 13.44
C ALA C 130 5.61 -6.41 12.44
N ILE C 131 4.86 -5.41 12.91
CA ILE C 131 3.98 -4.65 12.03
C ILE C 131 4.76 -3.91 10.96
N SER C 132 5.91 -3.36 11.31
CA SER C 132 6.73 -2.63 10.35
C SER C 132 7.23 -3.57 9.26
N ALA C 133 7.83 -4.69 9.66
CA ALA C 133 8.35 -5.67 8.72
C ALA C 133 7.29 -6.01 7.70
N VAL C 134 6.10 -6.33 8.16
CA VAL C 134 5.01 -6.67 7.26
C VAL C 134 4.67 -5.58 6.24
N SER C 135 4.66 -4.31 6.64
CA SER C 135 4.33 -3.30 5.66
C SER C 135 5.50 -2.91 4.77
N HIS C 136 6.72 -3.14 5.24
CA HIS C 136 7.91 -2.87 4.44
C HIS C 136 7.98 -3.88 3.30
N PHE C 137 7.83 -5.16 3.65
CA PHE C 137 7.84 -6.24 2.69
C PHE C 137 6.72 -6.03 1.68
N THR C 138 5.52 -5.70 2.18
CA THR C 138 4.36 -5.50 1.31
C THR C 138 4.55 -4.33 0.38
N LEU C 139 5.21 -3.30 0.88
CA LEU C 139 5.46 -2.10 0.08
C LEU C 139 6.46 -2.45 -1.03
N GLY C 140 7.63 -2.95 -0.63
CA GLY C 140 8.65 -3.34 -1.57
C GLY C 140 8.10 -4.25 -2.65
N ALA C 141 7.22 -5.16 -2.26
CA ALA C 141 6.61 -6.10 -3.19
C ALA C 141 5.69 -5.47 -4.22
N VAL C 142 4.79 -4.58 -3.78
CA VAL C 142 3.87 -3.95 -4.73
C VAL C 142 4.60 -2.98 -5.61
N LEU C 143 5.60 -2.30 -5.05
CA LEU C 143 6.38 -1.37 -5.83
C LEU C 143 7.00 -2.11 -7.02
N GLU C 144 7.63 -3.24 -6.74
CA GLU C 144 8.24 -4.04 -7.79
C GLU C 144 7.21 -4.60 -8.77
N GLN C 145 6.13 -5.19 -8.26
CA GLN C 145 5.12 -5.75 -9.14
C GLN C 145 4.57 -4.67 -10.03
N GLN C 146 4.44 -3.47 -9.50
CA GLN C 146 3.90 -2.40 -10.30
C GLN C 146 4.90 -1.88 -11.33
N GLU C 147 6.17 -1.85 -10.99
CA GLU C 147 7.16 -1.38 -11.95
C GLU C 147 7.38 -2.42 -13.05
N HIS C 148 7.18 -3.69 -12.70
CA HIS C 148 7.30 -4.80 -13.64
C HIS C 148 6.12 -4.79 -14.61
N THR C 149 4.92 -4.59 -14.07
CA THR C 149 3.70 -4.56 -14.87
C THR C 149 3.71 -3.45 -15.91
N ALA C 150 4.17 -2.27 -15.51
CA ALA C 150 4.20 -1.10 -16.38
C ALA C 150 5.26 -1.14 -17.48
N ALA C 151 6.30 -0.34 -17.31
CA ALA C 151 7.42 -0.18 -18.25
C ALA C 151 6.98 -0.11 -19.72
N LEU C 152 6.24 0.97 -20.06
CA LEU C 152 5.72 1.16 -21.42
C LEU C 152 6.09 2.50 -22.08
N GLU C 161 15.66 -14.18 -25.38
CA GLU C 161 17.00 -13.52 -25.33
C GLU C 161 18.07 -14.58 -25.09
N ASN C 162 18.81 -14.43 -24.00
CA ASN C 162 19.84 -15.38 -23.63
C ASN C 162 20.02 -15.31 -22.12
N LEU C 163 18.89 -15.48 -21.45
CA LEU C 163 18.84 -15.49 -20.00
C LEU C 163 19.33 -16.86 -19.58
N PRO C 164 20.04 -16.94 -18.45
CA PRO C 164 20.52 -18.26 -18.02
C PRO C 164 19.29 -19.09 -17.57
N PRO C 165 19.39 -20.43 -17.58
CA PRO C 165 18.33 -21.39 -17.20
C PRO C 165 17.38 -21.05 -16.03
N LEU C 166 17.88 -21.10 -14.80
CA LEU C 166 17.11 -20.79 -13.59
C LEU C 166 16.39 -19.45 -13.70
N LEU C 167 17.15 -18.41 -14.00
CA LEU C 167 16.59 -17.07 -14.14
C LEU C 167 15.41 -17.05 -15.12
N ARG C 168 15.59 -17.70 -16.27
CA ARG C 168 14.59 -17.81 -17.32
C ARG C 168 13.28 -18.34 -16.74
N GLU C 169 13.37 -19.46 -16.05
CA GLU C 169 12.21 -20.09 -15.44
C GLU C 169 11.66 -19.23 -14.31
N ALA C 170 12.54 -18.57 -13.57
CA ALA C 170 12.15 -17.72 -12.46
C ALA C 170 11.27 -16.56 -12.94
N LEU C 171 11.69 -15.89 -14.02
CA LEU C 171 10.92 -14.79 -14.59
C LEU C 171 9.57 -15.30 -15.07
N GLN C 172 9.58 -16.52 -15.58
CA GLN C 172 8.37 -17.16 -16.08
C GLN C 172 7.38 -17.35 -14.91
N ILE C 173 7.89 -17.63 -13.72
CA ILE C 173 7.05 -17.83 -12.52
C ILE C 173 6.41 -16.53 -12.06
N MET C 174 7.22 -15.50 -11.84
CA MET C 174 6.71 -14.20 -11.43
C MET C 174 5.79 -13.67 -12.52
N ASP C 175 6.08 -14.01 -13.76
CA ASP C 175 5.27 -13.56 -14.90
C ASP C 175 3.88 -14.17 -14.85
N SER C 176 3.81 -15.43 -14.45
CA SER C 176 2.56 -16.17 -14.33
C SER C 176 1.57 -15.44 -13.45
N ASP C 177 1.96 -15.30 -12.19
CA ASP C 177 1.18 -14.68 -11.12
C ASP C 177 1.02 -13.17 -11.16
N ASP C 178 2.16 -12.52 -11.34
CA ASP C 178 2.35 -11.08 -11.32
C ASP C 178 3.10 -10.87 -10.00
N GLY C 179 3.17 -11.93 -9.20
CA GLY C 179 3.87 -11.87 -7.94
C GLY C 179 3.01 -12.28 -6.76
N GLU C 180 1.73 -12.52 -7.01
CA GLU C 180 0.78 -12.92 -5.97
C GLU C 180 1.30 -14.00 -5.02
N GLN C 181 1.50 -15.21 -5.53
CA GLN C 181 1.97 -16.33 -4.71
C GLN C 181 3.28 -15.99 -4.03
N ALA C 182 4.15 -15.27 -4.76
CA ALA C 182 5.42 -14.84 -4.23
C ALA C 182 5.14 -14.05 -2.96
N PHE C 183 4.21 -13.10 -3.07
CA PHE C 183 3.79 -12.25 -1.96
C PHE C 183 3.20 -13.06 -0.82
N LEU C 184 2.17 -13.85 -1.13
CA LEU C 184 1.54 -14.66 -0.11
C LEU C 184 2.56 -15.56 0.61
N HIS C 185 3.60 -15.98 -0.13
CA HIS C 185 4.64 -16.83 0.42
C HIS C 185 5.54 -16.08 1.38
N GLY C 186 5.94 -14.86 1.02
CA GLY C 186 6.79 -14.06 1.90
C GLY C 186 6.06 -13.58 3.15
N LEU C 187 4.74 -13.42 3.02
CA LEU C 187 3.88 -12.99 4.13
C LEU C 187 3.94 -14.06 5.22
N GLU C 188 3.63 -15.30 4.84
CA GLU C 188 3.68 -16.43 5.77
C GLU C 188 5.10 -16.60 6.31
N SER C 189 6.11 -16.30 5.49
CA SER C 189 7.48 -16.45 5.94
C SER C 189 7.71 -15.53 7.13
N LEU C 190 7.18 -14.30 7.07
CA LEU C 190 7.32 -13.34 8.17
C LEU C 190 6.58 -13.81 9.42
N ILE C 191 5.32 -14.20 9.26
CA ILE C 191 4.49 -14.67 10.37
C ILE C 191 5.09 -15.87 11.11
N ARG C 192 5.54 -16.89 10.37
CA ARG C 192 6.14 -18.09 10.95
C ARG C 192 7.41 -17.69 11.67
N GLY C 193 8.09 -16.68 11.14
CA GLY C 193 9.30 -16.18 11.77
C GLY C 193 8.95 -15.48 13.07
N PHE C 194 7.79 -14.84 13.10
CA PHE C 194 7.31 -14.13 14.29
C PHE C 194 6.89 -15.17 15.35
N GLU C 195 6.19 -16.21 14.92
CA GLU C 195 5.75 -17.29 15.82
C GLU C 195 6.95 -17.89 16.50
N VAL C 196 7.90 -18.35 15.69
CA VAL C 196 9.12 -18.97 16.22
C VAL C 196 9.95 -18.07 17.14
N GLN C 197 9.85 -16.76 16.96
CA GLN C 197 10.59 -15.84 17.83
C GLN C 197 9.80 -15.63 19.13
N LEU C 198 8.48 -15.72 19.05
CA LEU C 198 7.64 -15.55 20.23
C LEU C 198 7.75 -16.76 21.15
N THR C 199 7.65 -17.96 20.58
CA THR C 199 7.78 -19.16 21.39
C THR C 199 9.22 -19.36 21.85
N ALA C 200 10.13 -18.51 21.36
CA ALA C 200 11.54 -18.58 21.74
C ALA C 200 11.77 -17.64 22.93
N LEU C 201 10.84 -16.70 23.11
CA LEU C 201 10.93 -15.76 24.23
C LEU C 201 10.25 -16.41 25.44
N LEU C 202 9.09 -17.02 25.21
CA LEU C 202 8.32 -17.70 26.26
C LEU C 202 9.15 -18.85 26.82
N GLN C 203 10.05 -19.36 25.97
CA GLN C 203 10.95 -20.45 26.31
C GLN C 203 12.12 -19.93 27.19
N1 IMD D . 5.24 7.23 2.97
C2 IMD D . 5.95 6.95 4.04
N3 IMD D . 5.21 6.23 4.86
C4 IMD D . 3.97 6.03 4.28
C5 IMD D . 4.00 6.67 3.08
#